data_2Q7O
#
_entry.id   2Q7O
#
_cell.length_a   143.457
_cell.length_b   143.457
_cell.length_c   166.248
_cell.angle_alpha   90.00
_cell.angle_beta   90.00
_cell.angle_gamma   120.00
#
_symmetry.space_group_name_H-M   'H 3 2'
#
loop_
_entity.id
_entity.type
_entity.pdbx_description
1 polymer 'Purine nucleoside phosphorylase'
2 non-polymer 'PHOSPHATE ION'
3 non-polymer 1,4-DIDEOXY-4-AZA-1-(S)-(9-DEAZAHYPOXANTHIN-9-YL)-D-RIBITOL
4 water water
#
_entity_poly.entity_id   1
_entity_poly.type   'polypeptide(L)'
_entity_poly.pdbx_seq_one_letter_code
;MENGYTYEDYKNTAEWLLSHTKHRPQVAIICGSGLGGLTDKLTQAQIFDYSEIPNFPRSTVPGHAGRLVFGFLNGRACVM
MQGRFHMYEGYPLWKVTFPVRVFHLLGVDTLVVTNAAGGLNPKFEVGDIMLIRDHINLPGFSGQNPLRGPNDERFGDRFP
AMSDAYDRTMRQRALSTWKQMGEQRELQEGTYVMVAGPSFETVAECRVLQKLGADAVGMSTVPEVIVARHCGLRVFGFSL
ITNKVIMDYESLEKANHEEVLAAGKQAAQKLEQFVSILMASIPLPDKAS
;
_entity_poly.pdbx_strand_id   E
#
loop_
_chem_comp.id
_chem_comp.type
_chem_comp.name
_chem_comp.formula
IMH non-polymer 1,4-DIDEOXY-4-AZA-1-(S)-(9-DEAZAHYPOXANTHIN-9-YL)-D-RIBITOL 'C11 H14 N4 O4'
PO4 non-polymer 'PHOSPHATE ION' 'O4 P -3'
#
# COMPACT_ATOMS: atom_id res chain seq x y z
N MET A 1 -17.45 -12.10 1.43
CA MET A 1 -18.45 -13.19 1.44
C MET A 1 -19.39 -13.25 2.68
N GLU A 2 -18.84 -13.30 3.89
CA GLU A 2 -19.53 -12.58 4.94
C GLU A 2 -18.94 -11.19 5.08
N ASN A 3 -17.78 -11.02 5.66
CA ASN A 3 -17.39 -9.76 6.33
C ASN A 3 -17.94 -9.80 7.72
N GLY A 4 -17.01 -9.99 8.64
CA GLY A 4 -17.34 -10.22 10.00
C GLY A 4 -17.54 -8.97 10.77
N TYR A 5 -17.25 -7.82 10.18
CA TYR A 5 -17.37 -6.54 10.87
C TYR A 5 -18.71 -5.88 10.52
N THR A 6 -19.39 -5.33 11.50
CA THR A 6 -20.52 -4.42 11.21
C THR A 6 -20.01 -3.01 11.21
N TYR A 7 -20.84 -2.10 10.74
CA TYR A 7 -20.45 -0.68 10.73
C TYR A 7 -19.99 -0.21 12.08
N GLU A 8 -20.74 -0.57 13.11
CA GLU A 8 -20.34 -0.31 14.46
C GLU A 8 -18.86 -0.63 14.80
N ASP A 9 -18.38 -1.82 14.49
CA ASP A 9 -17.02 -2.22 14.89
C ASP A 9 -16.03 -1.21 14.38
N TYR A 10 -16.21 -0.80 13.13
CA TYR A 10 -15.37 0.20 12.50
C TYR A 10 -15.40 1.46 13.37
N LYS A 11 -16.59 2.04 13.51
CA LYS A 11 -16.80 3.21 14.32
C LYS A 11 -16.18 3.08 15.71
N ASN A 12 -16.52 2.05 16.42
CA ASN A 12 -15.91 1.86 17.71
C ASN A 12 -14.38 1.86 17.69
N THR A 13 -13.73 1.35 16.63
CA THR A 13 -12.27 1.31 16.61
C THR A 13 -11.77 2.74 16.42
N ALA A 14 -12.51 3.50 15.62
CA ALA A 14 -12.16 4.85 15.27
C ALA A 14 -12.12 5.61 16.57
N GLU A 15 -13.32 5.74 17.16
CA GLU A 15 -13.55 6.57 18.31
C GLU A 15 -12.56 6.26 19.43
N TRP A 16 -12.28 4.99 19.61
CA TRP A 16 -11.28 4.64 20.59
C TRP A 16 -10.03 5.44 20.35
N LEU A 17 -9.49 5.26 19.15
CA LEU A 17 -8.23 5.86 18.74
C LEU A 17 -8.34 7.36 18.80
N LEU A 18 -9.49 7.81 18.33
CA LEU A 18 -9.84 9.18 18.30
C LEU A 18 -9.99 9.63 19.73
N SER A 19 -9.18 9.05 20.62
CA SER A 19 -9.34 9.28 22.05
C SER A 19 -8.53 8.27 22.86
N HIS A 20 -7.39 7.96 22.28
CA HIS A 20 -6.11 8.11 22.90
C HIS A 20 -5.14 8.90 22.06
N THR A 21 -5.65 9.81 21.25
CA THR A 21 -4.84 10.56 20.30
C THR A 21 -5.25 12.03 20.27
N LYS A 22 -4.30 12.91 20.53
CA LYS A 22 -4.48 14.36 20.28
C LYS A 22 -4.78 14.56 18.83
N HIS A 23 -4.07 13.77 18.01
CA HIS A 23 -3.99 13.95 16.58
C HIS A 23 -5.33 13.74 15.80
N ARG A 24 -5.40 14.35 14.61
CA ARG A 24 -6.51 14.16 13.68
C ARG A 24 -5.95 14.17 12.27
N PRO A 25 -5.77 12.96 11.65
CA PRO A 25 -4.82 12.94 10.55
C PRO A 25 -5.60 13.23 9.35
N GLN A 26 -4.90 13.51 8.27
CA GLN A 26 -5.57 13.86 7.04
C GLN A 26 -5.13 12.90 5.97
N VAL A 27 -3.90 12.44 6.10
CA VAL A 27 -3.30 11.48 5.20
C VAL A 27 -2.94 10.17 5.91
N ALA A 28 -3.17 9.04 5.24
CA ALA A 28 -2.72 7.75 5.74
C ALA A 28 -1.67 7.22 4.85
N ILE A 29 -0.60 6.72 5.42
CA ILE A 29 0.46 6.13 4.62
C ILE A 29 0.57 4.69 5.03
N ILE A 30 0.99 3.84 4.09
CA ILE A 30 1.07 2.44 4.36
C ILE A 30 2.37 1.96 3.77
N CYS A 31 3.21 1.36 4.61
CA CYS A 31 4.53 0.84 4.21
C CYS A 31 4.49 -0.68 4.37
N GLY A 32 5.24 -1.43 3.55
CA GLY A 32 6.42 -0.95 2.77
C GLY A 32 7.39 -2.12 2.44
N SER A 33 7.59 -3.10 3.35
CA SER A 33 7.72 -2.87 4.82
C SER A 33 8.92 -1.91 4.99
N GLY A 34 10.08 -2.30 4.41
CA GLY A 34 11.32 -1.52 4.32
C GLY A 34 11.19 -0.09 3.77
N LEU A 35 10.10 0.58 4.17
CA LEU A 35 10.10 2.02 4.38
C LEU A 35 9.99 2.27 5.88
N GLY A 36 10.36 1.25 6.64
CA GLY A 36 10.11 1.16 8.07
C GLY A 36 10.56 2.43 8.76
N GLY A 37 11.83 2.78 8.50
CA GLY A 37 12.54 3.92 9.12
C GLY A 37 11.82 5.27 9.09
N LEU A 38 10.91 5.43 8.13
CA LEU A 38 10.00 6.58 8.06
C LEU A 38 9.51 7.10 9.40
N THR A 39 9.09 6.17 10.23
CA THR A 39 8.64 6.49 11.58
C THR A 39 9.51 7.56 12.27
N ASP A 40 10.82 7.56 12.00
CA ASP A 40 11.74 8.54 12.55
C ASP A 40 11.34 9.98 12.24
N LYS A 41 11.19 10.22 10.93
CA LYS A 41 11.01 11.55 10.37
C LYS A 41 9.72 12.20 10.81
N LEU A 42 8.84 11.42 11.38
CA LEU A 42 7.62 11.97 11.93
C LEU A 42 8.01 12.71 13.14
N THR A 43 7.19 13.64 13.58
CA THR A 43 7.52 14.27 14.84
C THR A 43 6.25 14.48 15.56
N GLN A 44 6.39 14.40 16.88
CA GLN A 44 5.27 14.41 17.80
C GLN A 44 4.60 13.06 17.72
N ALA A 45 5.42 12.04 17.46
CA ALA A 45 4.93 10.71 17.12
C ALA A 45 4.27 10.04 18.33
N GLN A 46 3.04 9.56 18.17
CA GLN A 46 2.40 8.70 19.16
C GLN A 46 2.26 7.30 18.55
N ILE A 47 2.80 6.28 19.20
CA ILE A 47 2.71 4.92 18.67
C ILE A 47 1.58 4.07 19.26
N PHE A 48 1.10 3.10 18.49
CA PHE A 48 0.24 2.02 19.03
C PHE A 48 0.59 0.72 18.36
N ASP A 49 0.46 -0.36 19.14
CA ASP A 49 0.51 -1.71 18.59
C ASP A 49 -0.83 -2.15 18.10
N TYR A 50 -0.87 -2.83 16.96
CA TYR A 50 -2.15 -3.25 16.44
C TYR A 50 -2.90 -3.99 17.54
N SER A 51 -2.09 -4.80 18.27
CA SER A 51 -2.54 -5.72 19.29
C SER A 51 -3.39 -5.16 20.39
N GLU A 52 -3.25 -3.87 20.64
CA GLU A 52 -4.06 -3.17 21.62
C GLU A 52 -5.22 -2.34 21.01
N ILE A 53 -5.22 -2.21 19.69
CA ILE A 53 -6.30 -1.42 19.08
C ILE A 53 -7.49 -2.31 18.89
N PRO A 54 -8.60 -1.97 19.50
CA PRO A 54 -9.84 -2.68 19.30
C PRO A 54 -10.09 -3.07 17.83
N ASN A 55 -10.34 -4.37 17.63
CA ASN A 55 -10.73 -4.94 16.34
C ASN A 55 -9.63 -5.10 15.32
N PHE A 56 -8.42 -4.68 15.61
CA PHE A 56 -7.44 -4.81 14.56
C PHE A 56 -7.26 -6.22 14.23
N PRO A 57 -7.03 -6.54 12.97
CA PRO A 57 -6.38 -7.77 12.69
C PRO A 57 -5.24 -8.04 13.63
N ARG A 58 -5.61 -8.99 14.49
CA ARG A 58 -4.73 -9.83 15.27
C ARG A 58 -4.05 -10.83 14.32
N SER A 59 -2.71 -10.83 14.36
CA SER A 59 -1.85 -11.95 13.87
C SER A 59 -1.60 -13.03 14.98
N THR A 60 -0.69 -13.99 14.74
CA THR A 60 -0.44 -15.01 15.80
C THR A 60 0.37 -14.55 17.04
N VAL A 61 1.70 -14.35 16.92
CA VAL A 61 2.45 -13.52 17.92
C VAL A 61 2.22 -12.06 17.54
N PRO A 62 1.56 -11.24 18.40
CA PRO A 62 1.37 -9.80 18.01
C PRO A 62 2.60 -8.87 18.30
N GLY A 63 3.42 -8.54 17.28
CA GLY A 63 3.28 -8.94 15.86
C GLY A 63 4.27 -8.14 15.02
N HIS A 64 4.85 -8.70 13.92
CA HIS A 64 4.39 -9.87 13.10
C HIS A 64 3.06 -9.52 12.36
N ALA A 65 2.26 -8.73 13.09
CA ALA A 65 1.39 -7.66 12.61
C ALA A 65 1.64 -6.53 13.66
N GLY A 66 2.37 -5.45 13.25
CA GLY A 66 3.06 -4.45 14.13
C GLY A 66 2.33 -3.22 14.67
N ARG A 67 2.70 -2.03 14.17
CA ARG A 67 2.33 -0.72 14.83
C ARG A 67 1.74 0.40 13.98
N LEU A 68 0.82 1.11 14.60
CA LEU A 68 0.22 2.30 14.06
C LEU A 68 0.80 3.58 14.73
N VAL A 69 1.45 4.43 13.94
CA VAL A 69 2.11 5.63 14.41
C VAL A 69 1.33 6.81 13.92
N PHE A 70 1.01 7.77 14.80
CA PHE A 70 0.42 9.05 14.39
C PHE A 70 1.38 10.21 14.59
N GLY A 71 1.45 11.14 13.65
CA GLY A 71 2.37 12.28 13.83
C GLY A 71 2.37 13.27 12.69
N PHE A 72 3.46 14.03 12.54
CA PHE A 72 3.52 15.05 11.51
C PHE A 72 4.66 14.76 10.64
N LEU A 73 4.38 14.79 9.36
CA LEU A 73 5.40 14.53 8.42
C LEU A 73 5.21 15.66 7.52
N ASN A 74 6.35 16.35 7.33
CA ASN A 74 6.49 17.57 6.58
C ASN A 74 5.35 18.56 6.76
N GLY A 75 4.91 18.75 8.01
CA GLY A 75 3.81 19.63 8.32
C GLY A 75 2.59 19.14 7.58
N ARG A 76 2.34 17.84 7.73
CA ARG A 76 1.03 17.23 7.44
C ARG A 76 0.76 16.25 8.54
N ALA A 77 -0.50 16.22 8.97
CA ALA A 77 -0.97 15.25 9.95
C ALA A 77 -1.13 13.83 9.34
N CYS A 78 -0.29 12.91 9.78
CA CYS A 78 -0.33 11.58 9.23
C CYS A 78 -0.82 10.58 10.18
N VAL A 79 -0.82 9.36 9.66
CA VAL A 79 -0.98 8.14 10.43
C VAL A 79 -0.50 7.05 9.54
N MET A 80 0.30 6.15 10.05
CA MET A 80 0.85 5.18 9.12
C MET A 80 0.91 3.74 9.64
N MET A 81 0.78 2.81 8.71
CA MET A 81 0.82 1.43 9.06
C MET A 81 2.23 0.96 8.86
N GLN A 82 2.85 0.66 9.97
CA GLN A 82 4.19 0.17 9.98
C GLN A 82 4.00 -1.37 10.10
N GLY A 83 4.04 -2.02 8.94
CA GLY A 83 3.60 -3.42 8.78
C GLY A 83 2.13 -3.52 8.42
N ARG A 84 1.82 -4.40 7.46
CA ARG A 84 0.44 -4.60 7.01
C ARG A 84 -0.05 -6.04 6.92
N PHE A 85 -1.33 -6.23 6.62
CA PHE A 85 -1.87 -7.59 6.47
C PHE A 85 -1.95 -8.10 5.03
N HIS A 86 -1.62 -9.37 4.83
CA HIS A 86 -1.69 -9.97 3.50
C HIS A 86 -2.61 -11.15 3.44
N MET A 87 -3.07 -11.38 2.24
CA MET A 87 -3.91 -12.48 1.93
C MET A 87 -3.15 -13.79 2.07
N TYR A 88 -1.86 -13.79 1.73
CA TYR A 88 -1.21 -15.04 1.80
C TYR A 88 -1.06 -15.43 3.25
N GLU A 89 -1.06 -14.47 4.18
CA GLU A 89 -0.99 -14.80 5.61
C GLU A 89 -2.23 -15.61 6.00
N GLY A 90 -3.17 -15.79 5.08
CA GLY A 90 -4.41 -16.46 5.47
C GLY A 90 -5.58 -15.52 5.83
N TYR A 91 -5.27 -14.21 5.88
CA TYR A 91 -6.27 -13.07 6.31
C TYR A 91 -7.32 -12.94 5.06
N PRO A 92 -8.62 -12.99 5.27
CA PRO A 92 -9.46 -12.54 4.11
C PRO A 92 -9.33 -11.07 3.88
N LEU A 93 -9.92 -10.63 2.74
CA LEU A 93 -9.61 -9.23 2.32
C LEU A 93 -10.38 -8.22 3.22
N TRP A 94 -11.51 -8.59 3.77
CA TRP A 94 -12.10 -7.57 4.63
C TRP A 94 -11.34 -7.51 5.94
N LYS A 95 -10.51 -8.51 6.21
CA LYS A 95 -9.47 -8.19 7.17
C LYS A 95 -8.33 -7.36 6.65
N VAL A 96 -7.64 -7.72 5.54
CA VAL A 96 -6.44 -7.01 5.06
C VAL A 96 -6.72 -5.51 5.07
N THR A 97 -7.93 -5.24 4.58
CA THR A 97 -8.32 -3.89 4.19
C THR A 97 -9.03 -3.17 5.33
N PHE A 98 -9.20 -3.85 6.44
CA PHE A 98 -9.93 -3.31 7.58
C PHE A 98 -9.38 -1.95 7.98
N PRO A 99 -8.13 -1.93 8.41
CA PRO A 99 -7.42 -0.66 8.67
C PRO A 99 -7.91 0.45 7.75
N VAL A 100 -8.09 0.14 6.47
CA VAL A 100 -8.38 1.16 5.47
C VAL A 100 -9.71 1.86 5.77
N ARG A 101 -10.73 1.07 6.06
CA ARG A 101 -12.03 1.63 6.44
C ARG A 101 -11.87 2.34 7.79
N VAL A 102 -10.96 1.87 8.72
CA VAL A 102 -11.01 2.76 9.95
C VAL A 102 -10.50 4.17 9.58
N PHE A 103 -9.40 4.20 8.79
CA PHE A 103 -8.74 5.50 8.48
C PHE A 103 -9.80 6.53 8.04
N HIS A 104 -10.65 6.10 7.16
CA HIS A 104 -11.61 7.04 6.60
C HIS A 104 -12.56 7.55 7.64
N LEU A 105 -12.89 6.69 8.59
CA LEU A 105 -13.78 7.12 9.67
C LEU A 105 -13.01 8.11 10.54
N LEU A 106 -11.68 7.98 10.52
CA LEU A 106 -10.82 8.93 11.25
C LEU A 106 -10.88 10.30 10.56
N GLY A 107 -11.49 10.33 9.37
CA GLY A 107 -11.48 11.56 8.60
C GLY A 107 -10.22 11.81 7.79
N VAL A 108 -9.28 10.87 7.74
CA VAL A 108 -8.22 10.91 6.76
C VAL A 108 -8.88 11.04 5.42
N ASP A 109 -8.29 11.75 4.46
CA ASP A 109 -8.92 11.76 3.14
C ASP A 109 -7.94 11.64 1.97
N THR A 110 -6.72 11.30 2.30
CA THR A 110 -5.82 10.92 1.24
C THR A 110 -5.18 9.67 1.76
N LEU A 111 -4.92 8.74 0.85
CA LEU A 111 -4.14 7.59 1.19
C LEU A 111 -2.99 7.38 0.21
N VAL A 112 -1.83 7.12 0.79
CA VAL A 112 -0.69 6.79 0.03
C VAL A 112 -0.19 5.45 0.54
N VAL A 113 0.11 4.60 -0.43
CA VAL A 113 0.45 3.24 -0.16
C VAL A 113 1.67 2.94 -1.00
N THR A 114 2.53 2.13 -0.44
CA THR A 114 3.77 1.88 -1.09
C THR A 114 3.95 0.40 -0.91
N ASN A 115 4.96 -0.17 -1.53
CA ASN A 115 5.16 -1.58 -1.47
C ASN A 115 6.37 -1.99 -2.28
N ALA A 116 6.94 -3.16 -1.99
CA ALA A 116 7.96 -3.68 -2.94
C ALA A 116 7.29 -4.52 -3.97
N ALA A 117 8.00 -4.82 -5.04
CA ALA A 117 7.42 -5.51 -6.16
C ALA A 117 8.48 -5.99 -7.10
N GLY A 118 8.18 -7.06 -7.78
CA GLY A 118 9.09 -7.52 -8.78
C GLY A 118 8.87 -6.74 -10.04
N GLY A 119 9.90 -6.63 -10.85
CA GLY A 119 9.76 -5.88 -12.06
C GLY A 119 9.53 -6.83 -13.19
N LEU A 120 8.55 -6.48 -14.03
CA LEU A 120 8.21 -7.35 -15.14
C LEU A 120 8.67 -6.70 -16.39
N ASN A 121 8.63 -5.37 -16.39
CA ASN A 121 9.11 -4.56 -17.50
C ASN A 121 10.62 -4.63 -17.62
N PRO A 122 11.13 -5.11 -18.75
CA PRO A 122 12.59 -5.34 -18.92
C PRO A 122 13.39 -4.05 -18.74
N LYS A 123 12.82 -2.96 -19.20
CA LYS A 123 13.42 -1.66 -19.06
C LYS A 123 13.77 -1.34 -17.62
N PHE A 124 12.92 -1.73 -16.66
CA PHE A 124 13.07 -1.30 -15.23
C PHE A 124 14.38 -1.83 -14.67
N GLU A 125 14.77 -1.36 -13.48
CA GLU A 125 15.99 -1.88 -12.88
C GLU A 125 15.93 -1.80 -11.36
N VAL A 126 16.59 -2.75 -10.71
CA VAL A 126 16.43 -2.83 -9.28
C VAL A 126 16.94 -1.56 -8.64
N GLY A 127 16.08 -0.92 -7.88
CA GLY A 127 16.36 0.40 -7.41
C GLY A 127 15.27 1.32 -7.90
N ASP A 128 14.88 1.21 -9.17
CA ASP A 128 13.88 2.13 -9.70
C ASP A 128 12.64 2.26 -8.78
N ILE A 129 11.73 3.14 -9.14
CA ILE A 129 10.52 3.31 -8.40
C ILE A 129 9.46 3.50 -9.41
N MET A 130 8.40 2.69 -9.35
CA MET A 130 7.33 2.80 -10.29
C MET A 130 6.11 3.40 -9.65
N LEU A 131 5.71 4.57 -10.11
CA LEU A 131 4.44 5.14 -9.68
C LEU A 131 3.35 4.19 -10.13
N ILE A 132 2.21 4.15 -9.44
CA ILE A 132 1.16 3.29 -9.94
C ILE A 132 0.09 4.04 -10.72
N ARG A 133 0.15 3.92 -12.04
CA ARG A 133 -0.88 4.47 -12.91
C ARG A 133 -2.21 3.68 -12.85
N ASP A 134 -2.11 2.34 -12.72
CA ASP A 134 -3.27 1.48 -12.79
C ASP A 134 -2.93 0.10 -12.20
N HIS A 135 -3.94 -0.78 -12.06
CA HIS A 135 -3.67 -2.16 -11.59
C HIS A 135 -4.45 -3.27 -12.28
N ILE A 136 -3.85 -4.47 -12.37
CA ILE A 136 -4.62 -5.67 -12.59
C ILE A 136 -4.88 -6.41 -11.29
N ASN A 137 -6.18 -6.55 -10.94
CA ASN A 137 -6.67 -7.10 -9.63
C ASN A 137 -7.01 -8.52 -9.86
N LEU A 138 -5.99 -9.31 -10.29
CA LEU A 138 -6.31 -10.70 -10.49
C LEU A 138 -7.10 -11.54 -9.43
N PRO A 139 -6.75 -11.46 -8.13
CA PRO A 139 -7.60 -12.14 -7.17
C PRO A 139 -9.04 -11.69 -7.35
N GLY A 140 -9.17 -10.48 -7.84
CA GLY A 140 -10.46 -9.91 -7.91
C GLY A 140 -11.34 -10.57 -8.93
N PHE A 141 -10.77 -10.94 -10.07
CA PHE A 141 -11.57 -11.43 -11.16
C PHE A 141 -12.41 -12.64 -10.75
N SER A 142 -11.89 -13.35 -9.74
CA SER A 142 -12.39 -14.63 -9.39
C SER A 142 -13.19 -14.64 -8.17
N GLY A 143 -13.37 -13.50 -7.48
CA GLY A 143 -14.25 -13.47 -6.30
C GLY A 143 -13.64 -12.80 -5.11
N GLN A 144 -12.32 -12.74 -5.11
CA GLN A 144 -11.60 -12.10 -3.97
C GLN A 144 -11.49 -10.61 -4.07
N ASN A 145 -12.55 -9.91 -3.61
CA ASN A 145 -12.56 -8.50 -3.71
C ASN A 145 -13.02 -8.05 -2.34
N PRO A 146 -12.30 -7.10 -1.71
CA PRO A 146 -12.53 -6.71 -0.34
C PRO A 146 -13.95 -6.21 -0.17
N LEU A 147 -14.60 -5.87 -1.35
CA LEU A 147 -15.98 -5.34 -1.54
C LEU A 147 -17.04 -6.39 -1.61
N ARG A 148 -16.66 -7.58 -2.08
CA ARG A 148 -17.57 -8.73 -2.06
C ARG A 148 -18.31 -8.81 -0.72
N GLY A 149 -19.51 -9.39 -0.77
CA GLY A 149 -20.43 -9.32 0.35
C GLY A 149 -21.49 -8.25 0.17
N PRO A 150 -22.42 -8.18 1.11
CA PRO A 150 -23.42 -7.10 1.13
C PRO A 150 -22.77 -5.74 1.38
N ASN A 151 -23.10 -4.76 0.53
CA ASN A 151 -22.50 -3.44 0.63
C ASN A 151 -23.10 -2.58 1.70
N ASP A 152 -22.27 -1.92 2.52
CA ASP A 152 -22.85 -0.92 3.47
C ASP A 152 -22.82 0.40 2.84
N GLU A 153 -24.03 0.96 2.69
CA GLU A 153 -24.16 2.20 1.97
C GLU A 153 -23.48 3.43 2.58
N ARG A 154 -23.32 3.46 3.90
CA ARG A 154 -22.57 4.51 4.54
C ARG A 154 -21.17 4.68 4.04
N PHE A 155 -20.56 3.62 3.55
CA PHE A 155 -19.20 3.73 3.04
C PHE A 155 -19.15 4.11 1.57
N GLY A 156 -20.04 3.56 0.77
CA GLY A 156 -19.87 3.77 -0.66
C GLY A 156 -20.94 3.08 -1.44
N ASP A 157 -20.79 3.09 -2.76
CA ASP A 157 -21.79 2.46 -3.61
C ASP A 157 -21.67 0.96 -3.69
N ARG A 158 -22.64 0.33 -4.30
CA ARG A 158 -22.52 -1.08 -4.63
C ARG A 158 -21.53 -1.35 -5.75
N PHE A 159 -21.24 -0.37 -6.60
CA PHE A 159 -20.61 -0.64 -7.93
C PHE A 159 -19.65 0.50 -8.34
N PRO A 160 -18.65 0.76 -7.51
CA PRO A 160 -17.69 1.81 -7.77
C PRO A 160 -16.90 1.51 -8.99
N ALA A 161 -16.36 2.53 -9.64
CA ALA A 161 -15.51 2.35 -10.77
C ALA A 161 -14.10 2.37 -10.23
N MET A 162 -13.14 1.86 -10.99
CA MET A 162 -11.74 1.98 -10.63
C MET A 162 -10.94 2.51 -11.79
N SER A 163 -11.62 2.76 -12.93
CA SER A 163 -11.02 3.44 -14.09
C SER A 163 -10.03 4.55 -13.63
N ASP A 164 -10.45 5.37 -12.66
CA ASP A 164 -9.67 6.49 -12.18
C ASP A 164 -9.24 6.29 -10.71
N ALA A 165 -8.36 5.34 -10.45
CA ALA A 165 -8.08 5.00 -9.07
C ALA A 165 -7.00 5.87 -8.58
N TYR A 166 -6.04 6.14 -9.44
CA TYR A 166 -4.81 6.68 -8.98
C TYR A 166 -4.74 8.14 -9.34
N ASP A 167 -5.10 9.01 -8.41
CA ASP A 167 -5.19 10.44 -8.68
C ASP A 167 -4.23 11.00 -9.71
N ARG A 168 -4.80 11.68 -10.72
CA ARG A 168 -4.00 12.25 -11.82
C ARG A 168 -3.15 13.35 -11.28
N THR A 169 -3.80 14.27 -10.56
CA THR A 169 -3.12 15.45 -10.07
C THR A 169 -1.83 15.02 -9.41
N MET A 170 -2.02 14.20 -8.40
CA MET A 170 -0.99 13.69 -7.56
C MET A 170 0.12 13.01 -8.30
N ARG A 171 -0.20 12.42 -9.43
CA ARG A 171 0.79 11.64 -10.08
C ARG A 171 1.83 12.52 -10.72
N GLN A 172 1.41 13.65 -11.30
CA GLN A 172 2.40 14.59 -11.85
C GLN A 172 3.05 15.36 -10.72
N ARG A 173 2.22 15.61 -9.74
CA ARG A 173 2.52 16.50 -8.69
C ARG A 173 3.75 16.33 -7.78
N ALA A 174 4.80 15.55 -8.05
CA ALA A 174 4.93 14.08 -8.16
C ALA A 174 6.07 13.62 -9.09
N LEU A 175 5.95 13.76 -10.42
CA LEU A 175 7.18 13.68 -11.25
C LEU A 175 7.99 14.96 -11.03
N SER A 176 7.27 16.09 -10.88
CA SER A 176 7.83 17.35 -10.34
C SER A 176 8.87 17.00 -9.31
N THR A 177 8.37 16.79 -8.10
CA THR A 177 9.15 16.40 -6.95
C THR A 177 10.34 15.50 -7.32
N TRP A 178 10.19 14.68 -8.36
CA TRP A 178 11.27 13.76 -8.65
C TRP A 178 12.52 14.48 -9.17
N LYS A 179 12.41 15.22 -10.26
CA LYS A 179 13.52 16.04 -10.64
C LYS A 179 13.62 17.26 -9.78
N GLN A 180 12.49 17.79 -9.34
CA GLN A 180 12.57 18.98 -8.53
C GLN A 180 13.36 18.64 -7.31
N MET A 181 14.04 17.50 -7.33
CA MET A 181 15.13 17.26 -6.42
C MET A 181 16.18 16.40 -7.09
N GLY A 182 16.04 16.27 -8.41
CA GLY A 182 17.19 16.00 -9.23
C GLY A 182 17.70 14.63 -8.91
N GLU A 183 17.23 13.66 -9.67
CA GLU A 183 17.68 12.28 -9.53
C GLU A 183 18.18 11.66 -10.83
N GLN A 184 19.19 10.81 -10.70
CA GLN A 184 19.83 10.18 -11.84
C GLN A 184 18.88 9.23 -12.61
N ARG A 185 18.43 8.15 -11.95
CA ARG A 185 17.34 7.29 -12.45
C ARG A 185 16.05 8.10 -12.54
N GLU A 186 15.29 7.93 -13.62
CA GLU A 186 13.97 8.58 -13.71
C GLU A 186 12.89 7.89 -12.89
N LEU A 187 11.80 8.60 -12.66
CA LEU A 187 10.63 8.00 -12.08
C LEU A 187 10.06 7.03 -13.09
N GLN A 188 9.65 5.86 -12.64
CA GLN A 188 8.99 4.98 -13.56
C GLN A 188 7.49 5.12 -13.38
N GLU A 189 6.76 4.62 -14.37
CA GLU A 189 5.32 4.70 -14.27
C GLU A 189 4.70 3.51 -14.99
N GLY A 190 3.67 2.89 -14.41
CA GLY A 190 3.20 1.59 -14.91
C GLY A 190 2.10 0.93 -14.12
N THR A 191 1.85 -0.36 -14.41
CA THR A 191 0.72 -1.09 -13.79
C THR A 191 1.16 -2.12 -12.79
N TYR A 192 0.56 -2.12 -11.58
CA TYR A 192 0.84 -3.19 -10.60
C TYR A 192 -0.21 -4.30 -10.81
N VAL A 193 0.25 -5.52 -11.09
CA VAL A 193 -0.67 -6.66 -11.03
C VAL A 193 -0.56 -7.24 -9.63
N MET A 194 -1.66 -7.71 -9.06
CA MET A 194 -1.62 -8.55 -7.88
C MET A 194 -1.79 -10.02 -8.24
N VAL A 195 -0.92 -10.85 -7.69
CA VAL A 195 -1.28 -12.22 -7.32
C VAL A 195 -1.13 -12.45 -5.83
N ALA A 196 -1.83 -13.46 -5.31
CA ALA A 196 -1.84 -13.74 -3.88
C ALA A 196 -0.56 -14.44 -3.45
N GLY A 197 -0.53 -14.87 -2.19
CA GLY A 197 -0.20 -16.25 -1.86
C GLY A 197 1.19 -16.65 -2.32
N PRO A 198 1.97 -17.18 -1.39
CA PRO A 198 3.24 -16.57 -1.01
C PRO A 198 4.39 -17.02 -1.93
N SER A 199 4.18 -18.12 -2.65
CA SER A 199 5.19 -18.65 -3.50
C SER A 199 5.56 -17.64 -4.60
N PHE A 200 6.82 -17.57 -5.06
CA PHE A 200 7.17 -16.62 -6.13
C PHE A 200 6.80 -17.23 -7.46
N GLU A 201 6.72 -16.43 -8.51
CA GLU A 201 6.13 -16.88 -9.78
C GLU A 201 7.07 -17.78 -10.51
N THR A 202 6.54 -18.65 -11.35
CA THR A 202 7.38 -19.36 -12.29
C THR A 202 7.77 -18.46 -13.46
N VAL A 203 8.50 -19.03 -14.42
CA VAL A 203 8.98 -18.26 -15.54
C VAL A 203 7.76 -18.09 -16.42
N ALA A 204 6.99 -19.17 -16.58
CA ALA A 204 5.86 -19.16 -17.49
C ALA A 204 4.89 -18.20 -16.91
N GLU A 205 4.81 -18.18 -15.58
CA GLU A 205 3.88 -17.26 -14.92
C GLU A 205 4.25 -15.80 -15.21
N CYS A 206 5.54 -15.48 -15.19
CA CYS A 206 6.01 -14.18 -15.63
C CYS A 206 5.63 -13.80 -17.03
N ARG A 207 5.96 -14.68 -17.98
CA ARG A 207 5.59 -14.41 -19.34
C ARG A 207 4.11 -14.05 -19.40
N VAL A 208 3.28 -14.68 -18.57
CA VAL A 208 1.89 -14.35 -18.73
C VAL A 208 1.60 -12.98 -18.17
N LEU A 209 2.18 -12.65 -17.02
CA LEU A 209 1.96 -11.35 -16.42
C LEU A 209 2.48 -10.20 -17.32
N GLN A 210 3.52 -10.48 -18.12
CA GLN A 210 4.06 -9.50 -19.04
C GLN A 210 3.05 -9.36 -20.16
N LYS A 211 2.42 -10.46 -20.56
CA LYS A 211 1.47 -10.43 -21.70
C LYS A 211 0.24 -9.61 -21.38
N LEU A 212 -0.24 -9.77 -20.17
CA LEU A 212 -1.38 -9.07 -19.69
C LEU A 212 -1.10 -7.59 -19.71
N GLY A 213 0.16 -7.27 -19.94
CA GLY A 213 0.62 -5.90 -19.90
C GLY A 213 0.99 -5.35 -18.53
N ALA A 214 1.32 -6.19 -17.57
CA ALA A 214 1.73 -5.68 -16.24
C ALA A 214 3.17 -5.16 -16.23
N ASP A 215 3.49 -4.19 -15.38
CA ASP A 215 4.90 -3.77 -15.29
C ASP A 215 5.58 -4.24 -14.04
N ALA A 216 4.81 -4.37 -12.96
CA ALA A 216 5.34 -4.85 -11.68
C ALA A 216 4.39 -5.84 -11.04
N VAL A 217 4.87 -6.55 -10.00
CA VAL A 217 4.03 -7.59 -9.37
C VAL A 217 4.22 -7.78 -7.88
N GLY A 218 3.18 -7.51 -7.09
CA GLY A 218 3.25 -7.86 -5.65
C GLY A 218 2.05 -8.69 -5.30
N MET A 219 1.91 -8.93 -4.01
CA MET A 219 0.87 -9.72 -3.44
C MET A 219 0.09 -8.84 -2.52
N SER A 220 0.04 -7.54 -2.80
CA SER A 220 -0.33 -6.54 -1.79
C SER A 220 -1.21 -5.39 -2.31
N THR A 221 -1.55 -4.47 -1.44
CA THR A 221 -1.77 -3.11 -1.90
C THR A 221 -3.11 -3.09 -2.58
N VAL A 222 -3.13 -3.64 -3.79
CA VAL A 222 -4.32 -3.79 -4.61
C VAL A 222 -5.56 -3.71 -3.76
N PRO A 223 -5.77 -4.68 -2.89
CA PRO A 223 -6.96 -4.65 -2.09
C PRO A 223 -7.15 -3.27 -1.55
N GLU A 224 -6.20 -2.68 -0.85
CA GLU A 224 -6.67 -1.61 0.09
C GLU A 224 -6.87 -0.32 -0.72
N VAL A 225 -6.18 -0.21 -1.85
CA VAL A 225 -6.61 0.91 -2.78
C VAL A 225 -8.13 0.66 -3.09
N ILE A 226 -8.61 -0.52 -3.61
CA ILE A 226 -9.91 -0.67 -4.09
C ILE A 226 -10.90 -0.16 -3.00
N VAL A 227 -10.51 -0.50 -1.82
CA VAL A 227 -11.61 -0.12 -0.81
C VAL A 227 -11.42 1.32 -0.37
N ALA A 228 -10.17 1.91 -0.55
CA ALA A 228 -9.97 3.40 -0.35
C ALA A 228 -10.98 4.12 -1.26
N ARG A 229 -10.88 3.92 -2.59
CA ARG A 229 -11.82 4.59 -3.49
C ARG A 229 -13.25 4.19 -3.18
N HIS A 230 -13.51 3.02 -2.66
CA HIS A 230 -14.96 2.82 -2.40
C HIS A 230 -15.56 3.89 -1.46
N CYS A 231 -14.70 4.63 -0.78
CA CYS A 231 -15.30 5.56 0.16
C CYS A 231 -14.74 6.97 0.11
N GLY A 232 -14.18 7.33 -1.04
CA GLY A 232 -13.69 8.67 -1.24
C GLY A 232 -12.17 8.80 -1.28
N LEU A 233 -11.45 8.23 -0.36
CA LEU A 233 -10.06 8.59 -0.30
C LEU A 233 -9.39 8.83 -1.66
N ARG A 234 -8.65 9.91 -1.77
CA ARG A 234 -7.84 10.11 -2.93
C ARG A 234 -6.71 9.12 -2.76
N VAL A 235 -6.22 8.60 -3.86
CA VAL A 235 -5.33 7.50 -3.71
C VAL A 235 -4.13 7.77 -4.54
N PHE A 236 -3.01 7.58 -3.91
CA PHE A 236 -1.79 7.73 -4.63
C PHE A 236 -0.83 6.70 -4.10
N GLY A 237 -0.08 6.08 -4.99
CA GLY A 237 0.76 5.01 -4.51
C GLY A 237 1.90 4.67 -5.43
N PHE A 238 2.79 3.81 -4.99
CA PHE A 238 3.93 3.45 -5.84
C PHE A 238 4.73 2.25 -5.35
N SER A 239 5.73 1.88 -6.11
CA SER A 239 6.42 0.64 -5.87
C SER A 239 7.92 0.63 -6.08
N LEU A 240 8.59 0.08 -5.09
CA LEU A 240 10.00 -0.19 -5.20
C LEU A 240 10.27 -1.46 -6.01
N ILE A 241 10.82 -1.34 -7.22
CA ILE A 241 11.34 -2.54 -7.89
C ILE A 241 12.42 -3.05 -6.96
N THR A 242 12.71 -4.33 -6.98
CA THR A 242 13.34 -4.91 -5.84
C THR A 242 13.98 -6.17 -6.34
N ASN A 243 13.59 -6.58 -7.55
CA ASN A 243 14.18 -7.69 -8.22
C ASN A 243 13.57 -7.74 -9.58
N LYS A 244 14.36 -8.17 -10.56
CA LYS A 244 13.91 -8.39 -11.91
C LYS A 244 13.44 -9.84 -11.94
N VAL A 245 12.15 -9.99 -12.11
CA VAL A 245 11.54 -11.28 -12.07
C VAL A 245 12.16 -12.16 -13.15
N ILE A 246 12.63 -13.34 -12.74
CA ILE A 246 13.38 -14.23 -13.63
C ILE A 246 12.55 -14.57 -14.85
N MET A 247 13.06 -14.16 -15.99
CA MET A 247 12.27 -14.14 -17.18
C MET A 247 12.62 -15.29 -18.15
N ASP A 248 13.65 -16.08 -17.86
CA ASP A 248 13.92 -17.28 -18.69
C ASP A 248 14.62 -18.48 -18.04
N TYR A 249 14.20 -19.66 -18.48
CA TYR A 249 14.82 -20.93 -18.12
C TYR A 249 16.21 -20.73 -18.62
N GLU A 250 17.20 -21.09 -17.82
CA GLU A 250 18.63 -20.78 -18.11
C GLU A 250 19.20 -20.12 -16.89
N SER A 251 18.78 -18.88 -16.62
CA SER A 251 19.26 -18.13 -15.44
C SER A 251 19.29 -19.09 -14.24
N LEU A 252 20.22 -18.89 -13.31
CA LEU A 252 20.33 -19.84 -12.22
C LEU A 252 19.90 -19.16 -10.95
N GLU A 253 19.45 -17.92 -11.11
CA GLU A 253 19.05 -17.09 -9.99
C GLU A 253 17.60 -17.35 -9.55
N LYS A 254 17.22 -16.88 -8.38
CA LYS A 254 15.91 -17.18 -7.89
C LYS A 254 15.46 -16.06 -6.99
N ALA A 255 14.26 -15.54 -7.19
CA ALA A 255 13.76 -14.50 -6.30
C ALA A 255 13.89 -15.01 -4.86
N ASN A 256 14.31 -14.12 -3.96
CA ASN A 256 14.16 -14.37 -2.53
C ASN A 256 14.10 -13.07 -1.73
N HIS A 257 13.89 -13.19 -0.42
CA HIS A 257 13.15 -12.18 0.33
C HIS A 257 14.09 -11.34 1.19
N GLU A 258 15.12 -11.99 1.74
CA GLU A 258 16.46 -11.91 1.20
C GLU A 258 16.63 -10.69 0.30
N GLU A 259 17.06 -10.90 -0.93
CA GLU A 259 17.33 -9.82 -1.84
C GLU A 259 16.29 -8.70 -1.65
N VAL A 260 15.05 -9.06 -1.35
CA VAL A 260 13.98 -8.07 -1.33
C VAL A 260 14.17 -7.14 -0.16
N LEU A 261 14.28 -7.70 1.04
CA LEU A 261 14.49 -6.90 2.24
C LEU A 261 15.72 -6.00 2.11
N ALA A 262 16.76 -6.56 1.50
CA ALA A 262 18.03 -5.88 1.25
C ALA A 262 17.78 -4.64 0.42
N ALA A 263 17.58 -4.83 -0.88
CA ALA A 263 17.13 -3.77 -1.75
C ALA A 263 16.20 -2.78 -1.04
N GLY A 264 15.25 -3.28 -0.29
CA GLY A 264 14.34 -2.42 0.42
C GLY A 264 15.12 -1.51 1.33
N LYS A 265 15.96 -2.12 2.15
CA LYS A 265 16.91 -1.44 3.04
C LYS A 265 17.88 -0.50 2.28
N GLN A 266 18.44 -0.98 1.16
CA GLN A 266 19.35 -0.17 0.38
C GLN A 266 18.77 1.13 -0.11
N ALA A 267 17.49 1.39 0.19
CA ALA A 267 16.67 2.25 -0.64
C ALA A 267 15.64 3.01 0.20
N ALA A 268 15.53 2.63 1.47
CA ALA A 268 16.06 3.43 2.56
C ALA A 268 15.75 4.90 2.37
N GLN A 269 16.73 5.76 2.64
CA GLN A 269 16.53 7.21 2.60
C GLN A 269 15.77 7.62 1.34
N LYS A 270 15.99 6.88 0.26
CA LYS A 270 15.84 7.44 -1.10
C LYS A 270 14.72 8.47 -1.44
N LEU A 271 13.50 8.53 -0.89
CA LEU A 271 12.48 7.49 -0.57
C LEU A 271 11.72 7.89 0.65
N GLU A 272 12.37 7.68 1.78
CA GLU A 272 11.94 8.29 2.99
C GLU A 272 11.80 9.78 2.71
N GLN A 273 12.77 10.30 1.98
CA GLN A 273 12.80 11.68 1.62
C GLN A 273 11.68 11.96 0.65
N PHE A 274 11.63 11.15 -0.39
CA PHE A 274 10.64 11.33 -1.42
C PHE A 274 9.25 11.53 -0.86
N VAL A 275 8.81 10.60 -0.01
CA VAL A 275 7.47 10.68 0.52
C VAL A 275 7.32 11.93 1.31
N SER A 276 8.35 12.11 2.15
CA SER A 276 8.53 13.24 3.02
C SER A 276 8.33 14.57 2.31
N ILE A 277 9.06 14.78 1.23
CA ILE A 277 8.74 15.95 0.42
C ILE A 277 7.30 15.95 -0.05
N LEU A 278 6.87 14.87 -0.70
CA LEU A 278 5.57 14.82 -1.34
C LEU A 278 4.42 15.31 -0.50
N MET A 279 4.54 15.08 0.80
CA MET A 279 3.56 15.56 1.75
C MET A 279 3.01 16.94 1.43
N ALA A 280 3.91 17.78 0.90
CA ALA A 280 3.70 19.21 0.72
C ALA A 280 2.77 19.55 -0.43
N SER A 281 2.57 18.62 -1.36
CA SER A 281 1.68 18.85 -2.47
C SER A 281 0.38 18.09 -2.30
N ILE A 282 0.10 17.69 -1.07
CA ILE A 282 -1.23 17.26 -0.70
C ILE A 282 -1.95 18.48 -0.10
N PRO A 283 -3.08 18.89 -0.67
CA PRO A 283 -4.03 20.00 -0.37
C PRO A 283 -4.21 20.50 1.10
N LEU A 284 -5.39 20.45 1.69
CA LEU A 284 -5.56 20.63 3.16
C LEU A 284 -6.92 20.19 3.78
P PO4 B . 3.49 -7.04 -1.14
O1 PO4 B . 4.29 -8.39 -1.00
O2 PO4 B . 4.46 -5.84 -1.45
O3 PO4 B . 2.51 -7.10 -2.34
O4 PO4 B . 2.88 -6.75 0.28
O5' IMH C . 7.37 -11.95 -2.00
C5' IMH C . 7.69 -11.15 -0.86
C4' IMH C . 6.70 -10.03 -0.94
N4' IMH C . 6.15 -9.76 -2.28
C3' IMH C . 7.52 -8.85 -0.62
O3' IMH C . 6.95 -8.41 0.62
C2' IMH C . 7.36 -7.86 -1.81
O2' IMH C . 6.72 -6.63 -1.39
C1' IMH C . 6.57 -8.52 -2.93
C9 IMH C . 7.44 -8.91 -4.05
C8 IMH C . 8.74 -8.51 -4.27
N7 IMH C . 9.18 -9.15 -5.39
C5 IMH C . 8.25 -9.94 -5.91
C6 IMH C . 8.15 -10.84 -7.04
O6 IMH C . 9.23 -10.98 -7.86
N1 IMH C . 6.99 -11.48 -7.24
C2 IMH C . 5.94 -11.34 -6.40
N3 IMH C . 5.93 -10.55 -5.32
C4 IMH C . 7.06 -9.86 -5.08
#